data_7FP9
#
_entry.id   7FP9
#
_cell.length_a   87.596
_cell.length_b   81.898
_cell.length_c   93.079
_cell.angle_alpha   90
_cell.angle_beta   107.97
_cell.angle_gamma   90
#
_symmetry.space_group_name_H-M   'C 1 2 1'
#
loop_
_entity.id
_entity.type
_entity.pdbx_description
1 polymer 'Pre-mRNA-splicing factor 8'
2 polymer 'A1 cistron-splicing factor AAR2'
3 non-polymer 'ethyl (3S)-1-(methanesulfonyl)piperidine-3-carboxylate'
4 water water
#
loop_
_entity_poly.entity_id
_entity_poly.type
_entity_poly.pdbx_seq_one_letter_code
_entity_poly.pdbx_strand_id
1 'polypeptide(L)'
;GAMNSSNYAELFNNDIKLFVDDTNVYRVTVHKTFEGNVATKAINGCIFTLNPKTGHLFLKIIHTSVWAGQKRLSQLAKWK
TAEEVSALVRSLPKEEQPKQIIVTRKAMLDPLEVHMLDFPNIAIRPTELRLPFSAAMSIDKLSDVVMKATEPQMVLFNIY
DDWLDRISSYTAFSRLTLLLRALKTNEESAKMILLSDPTITIKSYHLWPSFTDEQWITIESQMRDLILTEYGRKYNVNIS
ALTQTEIKDIILGQNIKA
;
A
2 'polypeptide(L)'
;GAMAMNTVPFTSAPIEVTIGIDQYSFNVKENQPFHGIKDIPIGHVHVIHFQHADNSSMRYGYWFDCRMGNFYIQYDPKDG
LYKMMEERDGAKFENIVHNFKERQMMVSYPKIDEDDTWYNLTEFVQMDKIRKIVRKDENQFSYVDSSMTTVQENELSSSS
SDPAHSLNYTVINFKSREAIRPGHEMEDFLDKSYYLNTVMLQGIFKNSSNYFGELQFAFLNAMFFGNYGSSLQWHAMIEL
ICSSATVPKHMLDKLDEILYYQIKTLPEQYSDILLNERVWNICLYSSFQKNSLHNTEKIMENKYPELL
;
B
#
loop_
_chem_comp.id
_chem_comp.type
_chem_comp.name
_chem_comp.formula
W3Z non-polymer 'ethyl (3S)-1-(methanesulfonyl)piperidine-3-carboxylate' 'C9 H17 N O4 S'
#
# COMPACT_ATOMS: atom_id res chain seq x y z
N GLY A 1 13.35 9.63 1.93
CA GLY A 1 12.69 9.96 0.68
C GLY A 1 13.49 9.57 -0.54
N ALA A 2 13.20 10.20 -1.67
CA ALA A 2 13.95 9.90 -2.88
C ALA A 2 15.29 10.60 -2.88
N MET A 3 16.22 10.08 -3.67
CA MET A 3 17.60 10.54 -3.70
C MET A 3 17.86 11.17 -5.06
N ASN A 4 18.41 12.39 -5.07
CA ASN A 4 18.60 13.15 -6.31
C ASN A 4 19.79 14.11 -6.19
N SER A 5 19.97 14.93 -7.23
CA SER A 5 21.10 15.86 -7.31
C SER A 5 21.20 16.75 -6.08
N SER A 6 20.05 17.11 -5.52
CA SER A 6 20.01 18.09 -4.43
C SER A 6 20.60 17.50 -3.17
N ASN A 7 20.10 16.34 -2.74
CA ASN A 7 20.63 15.66 -1.57
C ASN A 7 21.78 14.72 -1.91
N TYR A 8 22.68 15.16 -2.78
CA TYR A 8 23.68 14.28 -3.39
C TYR A 8 24.78 13.89 -2.41
N ALA A 9 25.10 14.77 -1.46
CA ALA A 9 26.24 14.58 -0.57
C ALA A 9 25.92 13.72 0.65
N GLU A 10 24.63 13.42 0.91
CA GLU A 10 24.25 12.49 1.96
C GLU A 10 24.92 11.14 1.81
N LEU A 11 25.30 10.77 0.60
CA LEU A 11 25.86 9.43 0.39
C LEU A 11 27.17 9.26 1.13
N PHE A 12 27.84 10.37 1.41
CA PHE A 12 29.21 10.31 1.88
C PHE A 12 29.37 10.72 3.33
N ASN A 13 28.25 10.83 4.08
CA ASN A 13 28.27 11.07 5.51
C ASN A 13 28.63 9.79 6.21
N ASN A 14 28.41 9.72 7.52
CA ASN A 14 28.88 8.58 8.28
C ASN A 14 27.79 7.64 8.71
N ASP A 15 26.60 7.73 8.10
CA ASP A 15 25.53 6.76 8.26
C ASP A 15 25.76 5.65 7.25
N ILE A 16 25.89 4.44 7.70
CA ILE A 16 26.14 3.41 6.70
C ILE A 16 25.00 3.30 5.73
N LYS A 17 25.30 3.27 4.45
CA LYS A 17 24.28 2.99 3.45
C LYS A 17 24.78 2.14 2.29
N LEU A 18 23.82 1.50 1.61
CA LEU A 18 24.08 0.68 0.45
C LEU A 18 23.06 0.98 -0.64
N PHE A 19 23.61 1.08 -1.84
CA PHE A 19 22.94 1.02 -3.13
C PHE A 19 22.76 -0.42 -3.52
N VAL A 20 21.60 -0.71 -4.08
CA VAL A 20 21.36 -2.02 -4.65
C VAL A 20 20.99 -1.83 -6.10
N ASP A 21 21.71 -2.47 -7.02
CA ASP A 21 21.30 -2.48 -8.42
C ASP A 21 20.97 -3.93 -8.85
N ASP A 22 19.83 -4.13 -9.52
CA ASP A 22 19.37 -5.47 -9.94
C ASP A 22 19.30 -5.68 -11.44
N THR A 23 19.87 -4.79 -12.27
N THR A 23 19.94 -4.82 -12.23
CA THR A 23 19.72 -4.94 -13.72
CA THR A 23 19.81 -4.83 -13.69
C THR A 23 20.27 -6.29 -14.19
C THR A 23 20.63 -5.90 -14.39
N ASN A 24 21.40 -6.72 -13.64
CA ASN A 24 22.19 -7.81 -14.18
C ASN A 24 21.94 -9.14 -13.44
N VAL A 25 20.86 -9.24 -12.68
CA VAL A 25 20.53 -10.44 -11.93
C VAL A 25 19.96 -11.53 -12.85
N TYR A 26 19.00 -11.15 -13.72
CA TYR A 26 18.34 -12.08 -14.65
C TYR A 26 18.79 -11.69 -16.06
N ARG A 27 19.71 -12.44 -16.64
CA ARG A 27 20.32 -12.10 -17.91
C ARG A 27 20.05 -13.22 -18.87
N VAL A 28 19.63 -12.88 -20.09
CA VAL A 28 19.23 -13.88 -21.08
C VAL A 28 19.94 -13.67 -22.41
N THR A 29 19.90 -14.71 -23.23
CA THR A 29 20.26 -14.63 -24.64
C THR A 29 19.07 -15.17 -25.43
N VAL A 30 18.41 -14.28 -26.17
CA VAL A 30 17.22 -14.68 -26.91
C VAL A 30 17.65 -15.30 -28.24
N HIS A 31 17.23 -16.54 -28.50
CA HIS A 31 17.58 -17.29 -29.70
C HIS A 31 16.34 -17.83 -30.41
N LYS A 32 16.59 -18.56 -31.50
CA LYS A 32 15.53 -19.18 -32.30
C LYS A 32 15.56 -20.69 -32.10
N THR A 33 14.38 -21.30 -31.89
CA THR A 33 14.28 -22.74 -31.75
C THR A 33 14.27 -23.42 -33.12
N PHE A 34 14.44 -24.75 -33.12
CA PHE A 34 14.42 -25.48 -34.37
C PHE A 34 13.14 -25.18 -35.15
N GLU A 35 12.01 -25.17 -34.47
CA GLU A 35 10.72 -24.89 -35.09
C GLU A 35 10.61 -23.46 -35.59
N GLY A 36 11.62 -22.62 -35.38
CA GLY A 36 11.53 -21.23 -35.80
C GLY A 36 10.82 -20.30 -34.82
N ASN A 37 10.74 -20.69 -33.56
CA ASN A 37 10.19 -19.86 -32.50
C ASN A 37 11.37 -19.26 -31.75
N VAL A 38 11.10 -18.56 -30.66
CA VAL A 38 12.15 -17.88 -29.92
C VAL A 38 12.12 -18.35 -28.48
N ALA A 39 13.28 -18.69 -27.95
CA ALA A 39 13.44 -19.06 -26.55
C ALA A 39 14.54 -18.21 -25.94
N THR A 40 14.47 -18.06 -24.62
CA THR A 40 15.57 -17.47 -23.86
C THR A 40 16.43 -18.60 -23.30
N LYS A 41 17.73 -18.33 -23.21
CA LYS A 41 18.63 -19.14 -22.40
C LYS A 41 19.30 -18.19 -21.40
N ALA A 42 19.14 -18.47 -20.10
CA ALA A 42 19.74 -17.66 -19.06
C ALA A 42 21.24 -17.89 -18.97
N ILE A 43 21.95 -16.84 -18.55
CA ILE A 43 23.35 -16.90 -18.15
C ILE A 43 23.50 -16.33 -16.74
N ASN A 44 24.64 -16.52 -16.13
CA ASN A 44 24.82 -16.01 -14.77
C ASN A 44 24.63 -14.48 -14.66
N GLY A 45 23.96 -14.10 -13.55
CA GLY A 45 23.93 -12.69 -13.08
C GLY A 45 24.61 -12.44 -11.72
N CYS A 46 24.45 -11.18 -11.24
CA CYS A 46 24.91 -10.55 -10.01
C CYS A 46 23.91 -9.48 -9.52
N ILE A 47 23.81 -9.41 -8.19
CA ILE A 47 23.36 -8.23 -7.47
C ILE A 47 24.58 -7.36 -7.13
N PHE A 48 24.49 -6.12 -7.52
CA PHE A 48 25.51 -5.12 -7.28
C PHE A 48 24.98 -4.34 -6.09
N THR A 49 25.45 -4.71 -4.90
CA THR A 49 25.23 -4.02 -3.64
C THR A 49 26.48 -3.23 -3.26
N LEU A 50 26.37 -1.89 -3.12
CA LEU A 50 27.61 -1.12 -2.95
C LEU A 50 27.58 -0.01 -1.90
N ASN A 51 28.68 0.13 -1.12
CA ASN A 51 28.74 1.13 -0.07
C ASN A 51 29.42 2.33 -0.71
N PRO A 52 28.69 3.39 -1.08
CA PRO A 52 29.29 4.48 -1.88
C PRO A 52 30.42 5.25 -1.13
N LYS A 53 30.46 5.12 0.20
CA LYS A 53 31.45 5.77 1.07
C LYS A 53 32.75 5.00 1.09
N THR A 54 32.75 3.67 1.40
CA THR A 54 33.99 2.89 1.52
C THR A 54 34.42 2.26 0.21
N GLY A 55 33.50 2.19 -0.74
CA GLY A 55 33.68 1.47 -1.98
C GLY A 55 33.55 -0.03 -1.87
N HIS A 56 33.24 -0.59 -0.67
CA HIS A 56 33.01 -2.08 -0.61
C HIS A 56 31.83 -2.49 -1.48
N LEU A 57 32.05 -3.49 -2.32
CA LEU A 57 31.10 -4.05 -3.26
C LEU A 57 30.83 -5.46 -2.71
N PHE A 58 29.54 -5.81 -2.55
CA PHE A 58 29.06 -7.15 -2.19
C PHE A 58 28.52 -7.75 -3.48
N LEU A 59 29.40 -8.43 -4.22
CA LEU A 59 29.02 -8.89 -5.55
C LEU A 59 28.38 -10.26 -5.30
N LYS A 60 27.05 -10.30 -5.11
CA LYS A 60 26.32 -11.62 -5.11
C LYS A 60 26.03 -12.20 -6.52
N ILE A 61 26.68 -13.42 -6.73
CA ILE A 61 26.56 -14.18 -7.99
C ILE A 61 25.26 -14.96 -8.04
N ILE A 62 24.45 -14.66 -8.99
CA ILE A 62 23.22 -15.38 -9.23
C ILE A 62 23.49 -16.43 -10.30
N HIS A 63 23.44 -17.69 -9.91
CA HIS A 63 23.73 -18.79 -10.83
C HIS A 63 22.46 -19.26 -11.58
N THR A 64 22.59 -19.54 -12.88
CA THR A 64 21.41 -19.83 -13.69
C THR A 64 20.49 -20.84 -13.02
N SER A 65 21.04 -21.64 -12.09
CA SER A 65 20.32 -22.79 -11.59
C SER A 65 19.15 -22.32 -10.78
N VAL A 66 19.19 -21.07 -10.37
N VAL A 66 19.22 -21.07 -10.34
CA VAL A 66 18.17 -20.51 -9.48
CA VAL A 66 18.21 -20.42 -9.52
C VAL A 66 16.87 -20.30 -10.23
C VAL A 66 16.88 -20.36 -10.24
N TRP A 67 16.91 -20.27 -11.56
CA TRP A 67 15.71 -20.09 -12.32
C TRP A 67 15.06 -21.39 -12.77
N ALA A 68 15.72 -22.52 -12.56
CA ALA A 68 15.17 -23.79 -13.06
C ALA A 68 13.73 -23.99 -12.64
N GLY A 69 12.87 -24.22 -13.62
CA GLY A 69 11.48 -24.53 -13.34
C GLY A 69 10.63 -23.42 -12.77
N GLN A 70 11.10 -22.19 -12.82
CA GLN A 70 10.34 -21.05 -12.33
C GLN A 70 9.66 -20.26 -13.45
N LYS A 71 8.50 -19.69 -13.11
CA LYS A 71 7.75 -18.84 -14.01
C LYS A 71 7.92 -17.36 -13.63
N ARG A 72 7.62 -16.49 -14.59
CA ARG A 72 7.66 -15.02 -14.39
C ARG A 72 9.00 -14.62 -13.75
N LEU A 73 10.06 -14.94 -14.51
CA LEU A 73 11.43 -14.82 -14.02
C LEU A 73 11.80 -13.35 -13.76
N SER A 74 11.46 -12.44 -14.69
CA SER A 74 11.71 -11.01 -14.45
C SER A 74 11.11 -10.56 -13.13
N GLN A 75 9.90 -11.02 -12.82
CA GLN A 75 9.31 -10.74 -11.51
C GLN A 75 10.02 -11.44 -10.36
N LEU A 76 10.35 -12.71 -10.51
CA LEU A 76 11.07 -13.39 -9.44
C LEU A 76 12.45 -12.77 -9.20
N ALA A 77 13.12 -12.33 -10.25
CA ALA A 77 14.45 -11.73 -10.06
C ALA A 77 14.43 -10.59 -9.03
N LYS A 78 13.34 -9.80 -9.00
CA LYS A 78 13.25 -8.72 -8.01
C LYS A 78 13.09 -9.28 -6.60
N TRP A 79 12.25 -10.31 -6.40
CA TRP A 79 12.14 -10.96 -5.06
C TRP A 79 13.40 -11.73 -4.66
N LYS A 80 14.06 -12.36 -5.63
CA LYS A 80 15.33 -13.04 -5.31
C LYS A 80 16.39 -11.99 -4.92
N THR A 81 16.49 -10.87 -5.65
CA THR A 81 17.34 -9.73 -5.21
C THR A 81 17.00 -9.32 -3.78
N ALA A 82 15.74 -9.04 -3.51
CA ALA A 82 15.40 -8.65 -2.15
C ALA A 82 15.81 -9.71 -1.12
N GLU A 83 15.57 -11.01 -1.43
CA GLU A 83 15.94 -12.04 -0.47
C GLU A 83 17.45 -12.08 -0.24
N GLU A 84 18.27 -11.97 -1.28
CA GLU A 84 19.73 -12.00 -1.04
C GLU A 84 20.16 -10.74 -0.30
N VAL A 85 19.53 -9.60 -0.56
CA VAL A 85 20.02 -8.39 0.16
C VAL A 85 19.75 -8.51 1.65
N SER A 86 18.56 -8.98 2.02
N SER A 86 18.53 -8.93 2.02
CA SER A 86 18.22 -9.12 3.43
CA SER A 86 18.12 -9.18 3.41
C SER A 86 19.01 -10.23 4.13
C SER A 86 19.04 -10.19 4.10
N ALA A 87 19.39 -11.31 3.45
CA ALA A 87 20.38 -12.22 4.07
C ALA A 87 21.75 -11.55 4.25
N LEU A 88 22.24 -10.83 3.25
CA LEU A 88 23.47 -10.09 3.52
C LEU A 88 23.34 -9.24 4.79
N VAL A 89 22.24 -8.48 4.92
CA VAL A 89 22.15 -7.62 6.09
C VAL A 89 22.22 -8.48 7.35
N ARG A 90 21.50 -9.64 7.35
CA ARG A 90 21.40 -10.48 8.54
C ARG A 90 22.77 -11.01 8.91
N SER A 91 23.59 -11.32 7.91
CA SER A 91 24.93 -11.81 8.19
C SER A 91 25.86 -10.75 8.77
N LEU A 92 25.54 -9.48 8.62
CA LEU A 92 26.47 -8.46 9.08
C LEU A 92 26.27 -8.25 10.60
N PRO A 93 27.34 -7.97 11.32
CA PRO A 93 27.18 -7.49 12.70
C PRO A 93 26.35 -6.20 12.72
N LYS A 94 25.65 -6.03 13.84
CA LYS A 94 24.71 -4.91 13.97
C LYS A 94 25.39 -3.58 13.64
N GLU A 95 26.59 -3.37 14.16
CA GLU A 95 27.30 -2.10 13.95
C GLU A 95 27.67 -1.88 12.50
N GLU A 96 27.54 -2.91 11.67
CA GLU A 96 27.76 -2.79 10.23
C GLU A 96 26.50 -2.75 9.36
N GLN A 97 25.31 -2.97 9.93
CA GLN A 97 24.13 -3.02 9.09
C GLN A 97 23.82 -1.60 8.63
N PRO A 98 23.39 -1.43 7.40
CA PRO A 98 23.08 -0.08 6.90
C PRO A 98 21.86 0.52 7.60
N LYS A 99 21.91 1.85 7.74
N LYS A 99 21.89 1.84 7.74
CA LYS A 99 20.73 2.60 8.17
CA LYS A 99 20.71 2.57 8.17
C LYS A 99 19.84 2.90 7.00
C LYS A 99 19.82 2.88 7.00
N GLN A 100 20.38 2.92 5.80
CA GLN A 100 19.60 3.11 4.59
C GLN A 100 19.99 2.14 3.47
N ILE A 101 19.02 1.85 2.64
CA ILE A 101 19.31 1.11 1.41
C ILE A 101 18.62 1.81 0.25
N ILE A 102 19.39 2.17 -0.78
CA ILE A 102 18.89 2.89 -1.95
C ILE A 102 18.90 1.92 -3.13
N VAL A 103 17.72 1.59 -3.61
CA VAL A 103 17.46 0.81 -4.83
C VAL A 103 17.49 1.68 -6.05
N THR A 104 18.16 1.20 -7.07
CA THR A 104 18.30 2.01 -8.27
C THR A 104 17.12 1.91 -9.19
N ARG A 105 16.20 0.98 -8.94
CA ARG A 105 15.03 0.82 -9.79
C ARG A 105 13.87 0.72 -8.83
N LYS A 106 12.82 1.56 -9.07
CA LYS A 106 11.69 1.67 -8.15
C LYS A 106 10.89 0.38 -8.01
N ALA A 107 10.93 -0.50 -9.00
CA ALA A 107 10.25 -1.78 -8.85
C ALA A 107 10.76 -2.60 -7.66
N MET A 108 11.94 -2.28 -7.09
CA MET A 108 12.52 -3.03 -5.97
C MET A 108 12.08 -2.56 -4.59
N LEU A 109 11.26 -1.50 -4.52
CA LEU A 109 10.91 -0.93 -3.22
C LEU A 109 10.11 -1.95 -2.41
N ASP A 110 9.08 -2.55 -3.02
CA ASP A 110 8.12 -3.39 -2.30
C ASP A 110 8.76 -4.72 -1.97
N PRO A 111 9.49 -5.32 -2.90
CA PRO A 111 10.16 -6.60 -2.58
C PRO A 111 11.11 -6.45 -1.42
N LEU A 112 11.90 -5.39 -1.42
CA LEU A 112 12.84 -5.26 -0.32
C LEU A 112 12.10 -4.92 0.96
N GLU A 113 11.19 -3.94 0.91
CA GLU A 113 10.51 -3.57 2.14
C GLU A 113 9.92 -4.81 2.82
N VAL A 114 9.28 -5.69 2.04
CA VAL A 114 8.71 -6.93 2.58
C VAL A 114 9.78 -7.85 3.14
N HIS A 115 10.94 -7.95 2.46
CA HIS A 115 11.98 -8.85 2.97
C HIS A 115 12.66 -8.26 4.20
N MET A 116 12.49 -6.96 4.43
CA MET A 116 13.19 -6.23 5.49
C MET A 116 12.26 -5.89 6.64
N LEU A 117 11.04 -6.50 6.64
CA LEU A 117 10.05 -6.21 7.70
C LEU A 117 10.65 -6.33 9.09
N ASP A 118 11.62 -7.25 9.28
CA ASP A 118 12.37 -7.41 10.52
C ASP A 118 13.33 -6.24 10.82
N PHE A 119 13.57 -5.35 9.87
CA PHE A 119 14.53 -4.25 10.01
C PHE A 119 13.79 -2.93 9.80
N PRO A 120 12.91 -2.58 10.73
CA PRO A 120 12.12 -1.35 10.57
C PRO A 120 12.93 -0.08 10.67
N ASN A 121 14.06 -0.11 11.36
CA ASN A 121 14.90 1.06 11.48
C ASN A 121 15.85 1.23 10.29
N ILE A 122 15.67 0.47 9.21
CA ILE A 122 16.47 0.64 8.00
C ILE A 122 15.51 1.19 6.95
N ALA A 123 15.86 2.31 6.37
CA ALA A 123 14.98 2.99 5.46
C ALA A 123 15.27 2.54 4.05
N ILE A 124 14.26 2.10 3.37
CA ILE A 124 14.41 1.74 1.98
C ILE A 124 14.10 2.95 1.12
N ARG A 125 15.03 3.36 0.24
CA ARG A 125 14.71 4.55 -0.58
C ARG A 125 14.91 4.34 -2.08
N PRO A 126 14.09 5.02 -2.94
CA PRO A 126 14.37 5.03 -4.38
C PRO A 126 15.22 6.22 -4.75
N THR A 127 15.48 6.37 -6.03
CA THR A 127 16.26 7.50 -6.48
C THR A 127 15.75 7.99 -7.82
N GLU A 128 15.99 9.28 -8.04
N GLU A 128 15.98 9.27 -8.08
CA GLU A 128 15.70 9.99 -9.28
CA GLU A 128 15.67 9.86 -9.37
C GLU A 128 16.89 10.03 -10.23
C GLU A 128 16.90 10.00 -10.25
N LEU A 129 18.04 9.55 -9.79
CA LEU A 129 19.22 9.56 -10.62
C LEU A 129 19.27 8.36 -11.54
N ARG A 130 19.78 8.59 -12.73
CA ARG A 130 19.87 7.56 -13.78
C ARG A 130 21.22 6.84 -13.76
N LEU A 131 21.65 6.34 -12.59
CA LEU A 131 23.01 5.85 -12.39
C LEU A 131 23.39 4.70 -13.34
N PRO A 132 24.69 4.53 -13.64
CA PRO A 132 25.11 3.56 -14.68
C PRO A 132 25.61 2.22 -14.19
N PHE A 133 25.08 1.77 -13.06
CA PHE A 133 25.66 0.57 -12.47
C PHE A 133 25.43 -0.67 -13.30
N SER A 134 24.48 -0.62 -14.21
CA SER A 134 24.27 -1.72 -15.15
C SER A 134 25.55 -2.09 -15.83
N ALA A 135 26.38 -1.10 -16.10
CA ALA A 135 27.61 -1.30 -16.81
C ALA A 135 28.61 -2.02 -15.97
N ALA A 136 28.25 -2.47 -14.77
CA ALA A 136 29.26 -3.14 -13.95
C ALA A 136 29.88 -4.37 -14.62
N MET A 137 29.14 -5.05 -15.48
CA MET A 137 29.61 -6.22 -16.20
C MET A 137 30.49 -5.87 -17.39
N SER A 138 30.75 -4.60 -17.62
CA SER A 138 31.80 -4.25 -18.54
C SER A 138 33.14 -4.20 -17.84
N ILE A 139 33.16 -4.37 -16.51
CA ILE A 139 34.43 -4.49 -15.78
C ILE A 139 34.88 -5.95 -15.80
N ASP A 140 36.00 -6.21 -16.50
CA ASP A 140 36.32 -7.58 -16.92
C ASP A 140 36.39 -8.50 -15.73
N LYS A 141 37.16 -8.13 -14.71
CA LYS A 141 37.33 -9.03 -13.57
C LYS A 141 35.96 -9.42 -12.99
N LEU A 142 35.02 -8.44 -12.91
CA LEU A 142 33.65 -8.71 -12.44
C LEU A 142 32.90 -9.61 -13.42
N SER A 143 32.99 -9.35 -14.73
CA SER A 143 32.29 -10.23 -15.65
C SER A 143 32.86 -11.62 -15.52
N ASP A 144 34.17 -11.70 -15.33
CA ASP A 144 34.84 -12.99 -15.36
C ASP A 144 34.35 -13.86 -14.22
N VAL A 145 34.30 -13.27 -13.02
CA VAL A 145 33.95 -14.08 -11.85
C VAL A 145 32.51 -14.56 -11.99
N VAL A 146 31.63 -13.71 -12.50
CA VAL A 146 30.23 -14.10 -12.73
C VAL A 146 30.13 -15.25 -13.75
N MET A 147 30.75 -15.09 -14.93
N MET A 147 30.73 -15.09 -14.94
N MET A 147 30.75 -15.11 -14.93
CA MET A 147 30.61 -16.05 -16.02
CA MET A 147 30.55 -16.09 -15.98
CA MET A 147 30.52 -16.13 -15.95
C MET A 147 31.21 -17.41 -15.65
C MET A 147 31.19 -17.43 -15.61
C MET A 147 31.12 -17.46 -15.53
N LYS A 148 32.23 -17.41 -14.79
CA LYS A 148 32.88 -18.65 -14.39
C LYS A 148 32.19 -19.37 -13.24
N ALA A 149 31.37 -18.71 -12.42
CA ALA A 149 30.88 -19.37 -11.22
C ALA A 149 30.03 -20.61 -11.53
N THR A 150 30.18 -21.64 -10.71
CA THR A 150 29.47 -22.89 -10.95
C THR A 150 28.38 -23.16 -9.94
N GLU A 151 28.32 -22.38 -8.88
CA GLU A 151 27.29 -22.45 -7.85
C GLU A 151 27.01 -21.03 -7.42
N PRO A 152 25.95 -20.78 -6.63
CA PRO A 152 25.83 -19.46 -5.98
C PRO A 152 27.08 -19.17 -5.17
N GLN A 153 27.40 -17.86 -5.03
CA GLN A 153 28.67 -17.39 -4.51
C GLN A 153 28.59 -15.88 -4.24
N MET A 154 29.04 -15.44 -3.06
CA MET A 154 29.32 -14.02 -2.84
C MET A 154 30.80 -13.72 -2.98
N VAL A 155 31.13 -12.62 -3.60
CA VAL A 155 32.50 -12.20 -3.84
C VAL A 155 32.64 -10.75 -3.49
N LEU A 156 33.55 -10.48 -2.55
CA LEU A 156 33.81 -9.13 -2.05
C LEU A 156 34.87 -8.41 -2.88
N PHE A 157 34.57 -7.17 -3.26
CA PHE A 157 35.54 -6.35 -3.95
C PHE A 157 35.62 -4.98 -3.28
N ASN A 158 36.60 -4.18 -3.67
CA ASN A 158 36.49 -2.74 -3.39
C ASN A 158 36.48 -2.01 -4.71
N ILE A 159 35.37 -1.35 -5.07
CA ILE A 159 35.32 -0.88 -6.45
C ILE A 159 36.19 0.34 -6.67
N TYR A 160 36.79 0.86 -5.60
CA TYR A 160 37.63 2.03 -5.72
C TYR A 160 39.11 1.69 -5.78
N ASP A 161 39.46 0.40 -5.88
CA ASP A 161 40.85 -0.04 -5.68
C ASP A 161 41.43 0.78 -4.50
N ASP A 162 42.56 1.47 -4.67
CA ASP A 162 43.20 2.19 -3.56
C ASP A 162 42.92 3.68 -3.58
N TRP A 163 41.91 4.12 -4.35
CA TRP A 163 41.75 5.54 -4.62
C TRP A 163 41.65 6.34 -3.33
N LEU A 164 40.96 5.81 -2.35
CA LEU A 164 40.66 6.58 -1.15
C LEU A 164 41.92 6.98 -0.38
N ASP A 165 43.07 6.37 -0.69
CA ASP A 165 44.35 6.83 -0.11
C ASP A 165 44.69 8.22 -0.54
N ARG A 166 44.19 8.67 -1.68
CA ARG A 166 44.57 9.95 -2.24
C ARG A 166 43.42 10.89 -2.50
N ILE A 167 42.19 10.38 -2.63
CA ILE A 167 41.03 11.22 -2.89
C ILE A 167 39.91 10.93 -1.89
N SER A 168 38.93 11.84 -1.87
CA SER A 168 37.77 11.71 -0.99
C SER A 168 36.75 10.73 -1.60
N SER A 169 35.89 10.19 -0.75
N SER A 169 35.79 10.30 -0.80
CA SER A 169 34.76 9.42 -1.27
CA SER A 169 34.75 9.40 -1.32
C SER A 169 34.09 10.18 -2.40
C SER A 169 33.80 10.09 -2.30
N TYR A 170 33.56 11.39 -2.12
CA TYR A 170 32.82 12.17 -3.10
C TYR A 170 33.49 12.02 -4.46
N THR A 171 34.82 12.23 -4.48
CA THR A 171 35.55 12.27 -5.74
C THR A 171 35.65 10.87 -6.35
N ALA A 172 35.76 9.87 -5.48
CA ALA A 172 35.90 8.49 -5.94
C ALA A 172 34.62 8.06 -6.63
N PHE A 173 33.50 8.32 -5.97
CA PHE A 173 32.22 8.07 -6.58
C PHE A 173 32.03 8.80 -7.90
N SER A 174 32.43 10.06 -8.01
CA SER A 174 32.30 10.72 -9.31
C SER A 174 33.19 10.09 -10.38
N ARG A 175 34.39 9.61 -10.04
CA ARG A 175 35.15 8.82 -11.02
C ARG A 175 34.48 7.47 -11.38
N LEU A 176 33.98 6.75 -10.40
CA LEU A 176 33.31 5.50 -10.71
C LEU A 176 32.19 5.73 -11.73
N THR A 177 31.26 6.62 -11.38
CA THR A 177 30.13 6.90 -12.26
C THR A 177 30.54 7.44 -13.62
N LEU A 178 31.57 8.23 -13.66
CA LEU A 178 32.03 8.74 -14.95
C LEU A 178 32.62 7.60 -15.77
N LEU A 179 33.36 6.72 -15.12
CA LEU A 179 33.81 5.51 -15.83
C LEU A 179 32.64 4.61 -16.28
N LEU A 180 31.65 4.37 -15.42
CA LEU A 180 30.63 3.42 -15.85
C LEU A 180 29.76 4.02 -16.95
N ARG A 181 29.41 5.27 -16.79
CA ARG A 181 28.66 6.00 -17.81
C ARG A 181 29.32 5.93 -19.18
N ALA A 182 30.63 6.09 -19.25
CA ALA A 182 31.28 5.93 -20.55
C ALA A 182 31.20 4.49 -21.05
N LEU A 183 31.48 3.54 -20.17
CA LEU A 183 31.39 2.11 -20.55
C LEU A 183 29.98 1.77 -21.04
N LYS A 184 28.96 2.38 -20.45
CA LYS A 184 27.61 2.10 -20.91
C LYS A 184 27.29 2.70 -22.28
N THR A 185 27.81 3.91 -22.57
N THR A 185 27.83 3.89 -22.58
CA THR A 185 27.45 4.59 -23.81
CA THR A 185 27.46 4.60 -23.80
C THR A 185 28.22 4.02 -25.00
C THR A 185 28.24 4.11 -25.01
N ASN A 186 29.50 3.71 -24.81
CA ASN A 186 30.29 3.15 -25.91
C ASN A 186 31.40 2.30 -25.30
N GLU A 187 31.07 1.03 -25.05
CA GLU A 187 31.97 0.16 -24.32
C GLU A 187 33.34 0.07 -24.99
N GLU A 188 33.35 -0.15 -26.31
CA GLU A 188 34.62 -0.37 -27.01
C GLU A 188 35.57 0.76 -26.71
N SER A 189 35.13 1.99 -27.01
CA SER A 189 35.96 3.17 -26.82
C SER A 189 36.34 3.34 -25.35
N ALA A 190 35.36 3.30 -24.45
CA ALA A 190 35.73 3.40 -23.05
C ALA A 190 36.88 2.45 -22.72
N LYS A 191 36.82 1.22 -23.18
CA LYS A 191 37.88 0.29 -22.84
C LYS A 191 39.18 0.64 -23.56
N MET A 192 39.10 1.06 -24.83
CA MET A 192 40.31 1.48 -25.51
CA MET A 192 40.31 1.49 -25.52
C MET A 192 41.04 2.54 -24.71
N ILE A 193 40.29 3.48 -24.13
CA ILE A 193 40.88 4.55 -23.33
C ILE A 193 41.61 3.98 -22.14
N LEU A 194 40.98 3.06 -21.44
CA LEU A 194 41.54 2.61 -20.18
C LEU A 194 42.84 1.85 -20.40
N LEU A 195 43.03 1.24 -21.57
CA LEU A 195 44.10 0.27 -21.80
C LEU A 195 44.88 0.56 -23.07
N SER A 196 44.92 1.83 -23.48
CA SER A 196 45.71 2.18 -24.65
C SER A 196 47.20 1.95 -24.39
N ASP A 197 47.72 2.57 -23.34
CA ASP A 197 49.14 2.55 -22.99
C ASP A 197 49.47 1.24 -22.29
N PRO A 198 50.16 0.30 -22.95
CA PRO A 198 50.47 -0.97 -22.27
C PRO A 198 51.30 -0.79 -21.01
N THR A 199 51.95 0.36 -20.82
CA THR A 199 52.82 0.53 -19.65
C THR A 199 52.03 0.65 -18.35
N ILE A 200 50.77 1.06 -18.39
CA ILE A 200 49.96 1.14 -17.17
C ILE A 200 49.22 -0.18 -17.00
N THR A 201 49.31 -0.75 -15.82
CA THR A 201 48.78 -2.08 -15.58
C THR A 201 47.72 -2.06 -14.49
N ILE A 202 47.03 -3.21 -14.37
CA ILE A 202 45.97 -3.43 -13.40
C ILE A 202 46.53 -4.36 -12.35
N LYS A 203 46.68 -3.88 -11.12
CA LYS A 203 47.28 -4.75 -10.15
C LYS A 203 46.34 -5.94 -9.97
N SER A 204 46.92 -7.09 -9.68
CA SER A 204 46.09 -8.29 -9.57
C SER A 204 44.99 -8.18 -8.52
N TYR A 205 45.20 -7.36 -7.48
CA TYR A 205 44.18 -7.19 -6.45
C TYR A 205 43.31 -5.98 -6.70
N HIS A 206 43.31 -5.43 -7.90
CA HIS A 206 42.50 -4.26 -8.28
C HIS A 206 41.68 -4.52 -9.50
N LEU A 207 40.85 -3.56 -9.87
CA LEU A 207 39.94 -3.72 -11.01
C LEU A 207 40.24 -2.81 -12.17
N TRP A 208 40.90 -1.69 -11.88
CA TRP A 208 41.20 -0.62 -12.78
C TRP A 208 42.71 -0.31 -12.78
N PRO A 209 43.18 0.30 -13.87
CA PRO A 209 44.63 0.46 -14.01
C PRO A 209 45.18 1.31 -12.90
N SER A 210 46.48 1.22 -12.75
CA SER A 210 47.20 2.00 -11.77
C SER A 210 47.67 3.28 -12.47
N PHE A 211 46.74 4.25 -12.57
CA PHE A 211 47.08 5.59 -13.10
C PHE A 211 47.66 6.46 -11.99
N THR A 212 48.65 7.28 -12.35
CA THR A 212 48.97 8.39 -11.46
C THR A 212 47.85 9.42 -11.49
N ASP A 213 47.92 10.42 -10.59
CA ASP A 213 46.88 11.45 -10.52
C ASP A 213 46.76 12.20 -11.84
N GLU A 214 47.89 12.44 -12.49
CA GLU A 214 47.89 13.24 -13.72
C GLU A 214 47.25 12.45 -14.83
N GLN A 215 47.61 11.16 -14.86
CA GLN A 215 47.03 10.24 -15.79
C GLN A 215 45.52 10.16 -15.59
N TRP A 216 45.05 10.18 -14.34
CA TRP A 216 43.61 10.10 -14.08
C TRP A 216 42.84 11.32 -14.64
N ILE A 217 43.42 12.50 -14.54
CA ILE A 217 42.83 13.70 -15.15
C ILE A 217 42.73 13.55 -16.67
N THR A 218 43.84 13.20 -17.31
CA THR A 218 43.81 12.88 -18.74
C THR A 218 42.74 11.84 -19.02
N ILE A 219 42.66 10.82 -18.18
CA ILE A 219 41.71 9.74 -18.46
C ILE A 219 40.30 10.26 -18.27
N GLU A 220 40.08 10.98 -17.17
CA GLU A 220 38.75 11.51 -16.90
C GLU A 220 38.28 12.45 -18.01
N SER A 221 39.19 13.30 -18.51
N SER A 221 39.18 13.31 -18.50
CA SER A 221 38.82 14.19 -19.62
CA SER A 221 38.84 14.18 -19.63
C SER A 221 38.41 13.40 -20.85
C SER A 221 38.37 13.35 -20.79
N GLN A 222 39.15 12.33 -21.16
CA GLN A 222 38.84 11.54 -22.36
C GLN A 222 37.49 10.85 -22.23
N MET A 223 37.14 10.43 -21.04
CA MET A 223 35.82 9.85 -20.82
C MET A 223 34.70 10.88 -21.00
N ARG A 224 34.88 12.08 -20.45
N ARG A 224 34.88 12.09 -20.50
CA ARG A 224 33.92 13.16 -20.65
CA ARG A 224 33.85 13.12 -20.65
C ARG A 224 33.64 13.38 -22.14
C ARG A 224 33.61 13.45 -22.14
N ASP A 225 34.69 13.69 -22.89
CA ASP A 225 34.61 13.79 -24.34
CA ASP A 225 34.62 13.77 -24.35
C ASP A 225 33.76 12.66 -24.94
N LEU A 226 34.04 11.40 -24.59
CA LEU A 226 33.30 10.28 -25.16
C LEU A 226 31.82 10.44 -24.85
N ILE A 227 31.52 10.67 -23.57
CA ILE A 227 30.13 10.78 -23.16
C ILE A 227 29.42 11.91 -23.89
N LEU A 228 30.05 13.08 -24.01
CA LEU A 228 29.48 14.16 -24.81
C LEU A 228 29.20 13.71 -26.25
N THR A 229 30.22 13.24 -26.94
CA THR A 229 30.07 12.84 -28.32
C THR A 229 28.92 11.87 -28.52
N GLU A 230 29.04 10.64 -28.01
CA GLU A 230 27.98 9.65 -28.17
C GLU A 230 26.60 10.25 -27.92
N TYR A 231 26.53 11.37 -27.20
CA TYR A 231 25.31 12.15 -27.11
C TYR A 231 25.07 12.97 -28.37
N GLY A 232 26.13 13.44 -29.02
CA GLY A 232 25.97 14.04 -30.33
C GLY A 232 25.66 12.97 -31.35
N ARG A 233 26.57 12.00 -31.50
CA ARG A 233 26.35 10.87 -32.40
C ARG A 233 24.94 10.33 -32.27
N LYS A 234 24.38 10.39 -31.06
CA LYS A 234 23.04 9.87 -30.85
C LYS A 234 21.97 10.92 -31.12
N TYR A 235 22.23 12.19 -30.85
CA TYR A 235 21.23 13.24 -31.03
C TYR A 235 21.55 14.22 -32.16
N ASN A 236 22.70 14.08 -32.82
CA ASN A 236 23.07 14.99 -33.89
C ASN A 236 23.03 16.43 -33.39
N VAL A 237 24.12 16.89 -32.77
CA VAL A 237 24.25 18.28 -32.31
C VAL A 237 25.71 18.74 -32.40
N MET B 5 -42.88 -2.77 14.49
CA MET B 5 -42.39 -1.40 14.12
C MET B 5 -42.13 -0.56 15.39
N ASN B 6 -41.00 0.15 15.45
CA ASN B 6 -40.65 0.94 16.63
C ASN B 6 -40.44 2.42 16.33
N THR B 7 -40.22 3.19 17.39
CA THR B 7 -40.24 4.65 17.27
C THR B 7 -39.05 5.30 17.96
N VAL B 8 -38.36 6.31 17.37
CA VAL B 8 -37.22 7.07 17.97
C VAL B 8 -37.74 8.50 18.21
N PRO B 9 -38.48 8.86 19.27
CA PRO B 9 -39.05 10.19 19.35
C PRO B 9 -38.02 11.27 19.69
N PHE B 10 -38.41 12.53 19.59
CA PHE B 10 -37.54 13.71 19.78
C PHE B 10 -38.17 14.61 20.82
N THR B 11 -37.47 15.17 21.82
CA THR B 11 -38.05 16.09 22.88
C THR B 11 -38.51 17.38 22.20
N SER B 12 -37.91 17.80 21.08
CA SER B 12 -38.15 18.98 20.21
C SER B 12 -37.08 19.05 19.08
N ALA B 13 -37.04 20.11 18.21
CA ALA B 13 -36.08 20.39 17.14
C ALA B 13 -35.67 21.86 17.20
N PRO B 14 -34.78 22.22 18.13
CA PRO B 14 -34.54 23.66 18.35
C PRO B 14 -33.76 24.34 17.25
N ILE B 15 -32.89 23.62 16.52
CA ILE B 15 -32.12 24.25 15.45
C ILE B 15 -32.41 23.62 14.10
N GLU B 16 -32.17 24.37 13.04
CA GLU B 16 -32.45 23.87 11.71
C GLU B 16 -31.46 22.79 11.32
N VAL B 17 -31.97 21.62 11.01
CA VAL B 17 -31.11 20.48 10.74
C VAL B 17 -31.75 19.63 9.69
N THR B 18 -30.90 18.99 8.94
CA THR B 18 -31.28 17.86 8.09
C THR B 18 -31.04 16.53 8.84
N ILE B 19 -32.09 15.73 8.96
CA ILE B 19 -32.05 14.50 9.74
C ILE B 19 -32.05 13.36 8.76
N GLY B 20 -31.24 12.34 9.05
CA GLY B 20 -31.21 11.13 8.25
C GLY B 20 -31.63 9.93 9.07
N ILE B 21 -32.38 9.04 8.45
CA ILE B 21 -32.62 7.75 9.07
C ILE B 21 -32.31 6.72 7.99
N ASP B 22 -31.30 5.88 8.22
CA ASP B 22 -30.78 4.96 7.21
C ASP B 22 -30.59 5.82 5.96
N GLN B 23 -31.02 5.40 4.79
CA GLN B 23 -30.72 6.12 3.54
C GLN B 23 -31.71 7.26 3.27
N TYR B 24 -32.61 7.54 4.21
CA TYR B 24 -33.65 8.53 3.98
C TYR B 24 -33.28 9.77 4.79
N SER B 25 -33.75 10.93 4.33
CA SER B 25 -33.43 12.21 4.98
C SER B 25 -34.53 13.23 4.67
N PHE B 26 -34.64 14.24 5.54
CA PHE B 26 -35.65 15.28 5.41
C PHE B 26 -35.22 16.51 6.22
N ASN B 27 -35.59 17.68 5.72
CA ASN B 27 -35.21 18.96 6.30
C ASN B 27 -36.19 19.34 7.38
N VAL B 28 -35.68 19.76 8.53
CA VAL B 28 -36.49 20.26 9.63
C VAL B 28 -36.08 21.72 9.89
N LYS B 29 -37.08 22.60 10.02
CA LYS B 29 -36.79 24.02 10.22
C LYS B 29 -36.70 24.31 11.71
N GLU B 30 -35.96 25.39 12.02
CA GLU B 30 -35.77 25.84 13.40
C GLU B 30 -37.10 25.93 14.11
N ASN B 31 -37.19 25.26 15.25
CA ASN B 31 -38.41 25.22 16.06
C ASN B 31 -39.67 24.76 15.29
N GLN B 32 -39.53 23.90 14.29
CA GLN B 32 -40.69 23.26 13.69
C GLN B 32 -41.22 22.19 14.64
N PRO B 33 -42.63 22.00 14.86
CA PRO B 33 -43.54 20.90 15.74
C PRO B 33 -42.89 19.69 15.05
N PHE B 34 -42.16 18.84 15.78
CA PHE B 34 -41.49 17.64 15.22
C PHE B 34 -40.93 16.71 16.29
N HIS B 35 -41.70 15.67 16.64
CA HIS B 35 -41.36 14.70 17.71
C HIS B 35 -40.84 13.36 17.23
N GLY B 36 -40.23 13.34 16.05
CA GLY B 36 -39.39 12.22 15.66
C GLY B 36 -39.81 11.41 14.48
N ILE B 37 -39.44 10.12 14.49
CA ILE B 37 -39.68 9.11 13.43
C ILE B 37 -40.38 7.89 14.04
N LYS B 38 -41.32 7.27 13.30
CA LYS B 38 -42.10 6.07 13.63
C LYS B 38 -41.98 5.00 12.54
N ASP B 39 -42.47 3.81 12.84
CA ASP B 39 -42.57 2.74 11.84
C ASP B 39 -41.17 2.27 11.42
N ILE B 40 -40.20 2.40 12.31
CA ILE B 40 -38.84 1.95 11.96
C ILE B 40 -38.85 0.41 11.94
N PRO B 41 -38.39 -0.29 10.88
CA PRO B 41 -38.45 -1.77 10.84
C PRO B 41 -37.60 -2.44 11.91
N ILE B 42 -38.18 -3.36 12.61
CA ILE B 42 -37.47 -4.10 13.63
C ILE B 42 -36.68 -5.19 12.95
N GLY B 43 -35.55 -5.54 13.54
CA GLY B 43 -34.73 -6.61 13.00
C GLY B 43 -33.51 -6.18 12.24
N HIS B 44 -33.19 -4.89 12.21
CA HIS B 44 -32.00 -4.42 11.56
C HIS B 44 -31.34 -3.40 12.50
N VAL B 45 -30.09 -3.16 12.28
N VAL B 45 -30.03 -3.21 12.31
CA VAL B 45 -29.43 -2.05 12.96
CA VAL B 45 -29.40 -2.01 12.94
C VAL B 45 -29.69 -0.79 12.14
C VAL B 45 -29.94 -0.80 12.18
N HIS B 46 -29.94 0.33 12.82
CA HIS B 46 -30.25 1.56 12.12
C HIS B 46 -29.19 2.61 12.47
N VAL B 47 -29.19 3.66 11.70
CA VAL B 47 -28.44 4.85 12.07
C VAL B 47 -29.29 6.07 11.80
N ILE B 48 -29.31 7.00 12.76
N ILE B 48 -29.42 6.95 12.83
CA ILE B 48 -30.02 8.26 12.64
CA ILE B 48 -30.03 8.28 12.74
C ILE B 48 -28.99 9.37 12.83
C ILE B 48 -28.91 9.31 12.78
N HIS B 49 -28.93 10.28 11.86
CA HIS B 49 -27.77 11.15 11.71
C HIS B 49 -28.23 12.55 11.39
N PHE B 50 -27.26 13.49 11.45
CA PHE B 50 -27.61 14.90 11.56
C PHE B 50 -26.59 15.75 10.82
N GLN B 51 -27.09 16.78 10.13
CA GLN B 51 -26.24 17.81 9.50
C GLN B 51 -26.90 19.18 9.71
N HIS B 52 -26.30 20.00 10.57
CA HIS B 52 -26.92 21.28 10.90
C HIS B 52 -26.95 22.17 9.66
N ALA B 53 -27.99 23.02 9.57
CA ALA B 53 -28.12 23.95 8.47
C ALA B 53 -27.02 24.99 8.51
N ASP B 54 -26.62 25.42 9.71
CA ASP B 54 -25.64 26.49 9.81
C ASP B 54 -24.25 25.96 9.49
N ASN B 55 -23.82 24.95 10.20
CA ASN B 55 -22.49 24.41 10.07
C ASN B 55 -22.63 23.04 9.42
N SER B 56 -22.44 22.99 8.11
CA SER B 56 -22.35 21.71 7.41
C SER B 56 -21.13 20.90 7.85
N SER B 57 -20.22 21.50 8.60
CA SER B 57 -19.13 20.75 9.20
C SER B 57 -19.67 19.81 10.28
N MET B 58 -19.05 18.64 10.41
N MET B 58 -19.05 18.64 10.37
CA MET B 58 -19.51 17.69 11.40
CA MET B 58 -19.44 17.62 11.33
C MET B 58 -20.89 17.13 11.01
C MET B 58 -20.85 17.10 11.04
N ARG B 59 -20.92 16.11 10.15
CA ARG B 59 -22.02 15.14 10.18
C ARG B 59 -21.77 14.25 11.39
N TYR B 60 -22.85 13.86 12.08
CA TYR B 60 -22.77 12.96 13.24
C TYR B 60 -24.09 12.17 13.35
N GLY B 61 -24.11 11.16 14.22
CA GLY B 61 -25.11 10.07 14.02
C GLY B 61 -25.01 8.98 15.08
N TYR B 62 -26.10 8.22 15.23
CA TYR B 62 -26.06 7.20 16.24
C TYR B 62 -26.50 5.90 15.59
N TRP B 63 -25.66 4.85 15.68
CA TRP B 63 -26.05 3.45 15.42
C TRP B 63 -26.82 2.87 16.61
N PHE B 64 -27.92 2.15 16.29
CA PHE B 64 -28.78 1.58 17.33
C PHE B 64 -29.69 0.45 16.81
N ASP B 65 -30.40 -0.18 17.74
CA ASP B 65 -31.24 -1.35 17.47
C ASP B 65 -32.39 -1.32 18.44
N CYS B 66 -33.60 -1.25 17.88
CA CYS B 66 -34.81 -0.99 18.64
C CYS B 66 -35.12 -2.12 19.60
N ARG B 67 -34.56 -3.30 19.37
CA ARG B 67 -34.72 -4.40 20.29
C ARG B 67 -33.94 -4.17 21.59
N MET B 68 -32.87 -3.37 21.56
N MET B 68 -32.88 -3.35 21.55
CA MET B 68 -32.00 -3.17 22.72
CA MET B 68 -31.99 -3.16 22.70
C MET B 68 -32.43 -2.01 23.62
C MET B 68 -32.46 -2.07 23.67
N GLY B 69 -33.66 -1.53 23.48
CA GLY B 69 -34.21 -0.60 24.42
C GLY B 69 -34.95 0.54 23.75
N ASN B 70 -35.50 1.47 24.53
CA ASN B 70 -36.21 2.65 24.01
C ASN B 70 -35.15 3.75 23.96
N PHE B 71 -34.95 4.38 22.80
CA PHE B 71 -33.95 5.46 22.61
C PHE B 71 -34.62 6.69 22.01
N TYR B 72 -34.57 7.87 22.65
CA TYR B 72 -35.10 9.17 22.14
C TYR B 72 -34.02 10.28 22.05
N ILE B 73 -34.25 11.31 21.20
CA ILE B 73 -33.32 12.43 20.86
C ILE B 73 -33.71 13.81 21.38
N GLN B 74 -33.10 14.35 22.44
CA GLN B 74 -33.37 15.75 22.93
C GLN B 74 -32.15 16.53 22.56
N TYR B 75 -32.32 17.79 22.19
CA TYR B 75 -31.16 18.59 21.78
C TYR B 75 -30.43 19.09 23.01
N ASP B 76 -29.11 19.15 22.93
CA ASP B 76 -28.34 19.68 24.05
C ASP B 76 -27.78 21.04 23.70
N PRO B 77 -28.25 22.10 24.33
CA PRO B 77 -27.79 23.42 23.87
C PRO B 77 -26.40 23.80 24.38
N LYS B 78 -25.86 23.07 25.36
CA LYS B 78 -24.50 23.29 25.84
C LYS B 78 -23.48 22.65 24.89
N ASP B 79 -23.69 21.38 24.59
CA ASP B 79 -22.83 20.66 23.66
C ASP B 79 -23.25 20.89 22.20
N GLY B 80 -24.43 21.46 21.96
CA GLY B 80 -24.79 21.80 20.57
C GLY B 80 -24.97 20.61 19.65
N LEU B 81 -25.61 19.57 20.14
CA LEU B 81 -26.03 18.56 19.18
C LEU B 81 -27.26 17.85 19.66
N TYR B 82 -27.91 17.21 18.69
CA TYR B 82 -28.97 16.27 19.01
C TYR B 82 -28.28 15.06 19.64
N LYS B 83 -28.69 14.67 20.85
CA LYS B 83 -28.12 13.50 21.50
C LYS B 83 -29.11 12.34 21.55
N MET B 84 -28.59 11.13 21.41
CA MET B 84 -29.40 9.93 21.67
C MET B 84 -29.38 9.63 23.16
N MET B 85 -30.53 9.42 23.79
CA MET B 85 -30.75 9.08 25.22
C MET B 85 -31.48 7.73 25.29
N GLU B 86 -31.59 7.14 26.47
CA GLU B 86 -32.28 5.84 26.66
C GLU B 86 -33.02 5.92 27.98
N GLU B 87 -34.34 5.85 27.99
CA GLU B 87 -35.07 5.79 29.29
C GLU B 87 -35.18 4.32 29.71
N ARG B 88 -35.56 4.12 30.98
CA ARG B 88 -35.93 2.80 31.55
C ARG B 88 -37.44 2.71 31.42
N ASP B 89 -38.11 3.68 32.07
CA ASP B 89 -39.56 3.83 32.23
C ASP B 89 -40.31 3.50 30.96
N GLY B 90 -40.55 2.23 30.74
CA GLY B 90 -41.31 1.74 29.58
C GLY B 90 -42.64 2.48 29.47
N ALA B 91 -43.43 2.58 30.55
CA ALA B 91 -44.83 3.06 30.59
C ALA B 91 -44.93 4.55 30.30
N LYS B 92 -43.98 5.33 30.81
CA LYS B 92 -43.90 6.78 30.52
C LYS B 92 -43.71 6.89 29.02
N PHE B 93 -42.80 6.05 28.47
CA PHE B 93 -42.37 5.97 27.06
C PHE B 93 -43.53 5.64 26.11
N GLU B 94 -44.06 4.42 26.14
CA GLU B 94 -45.18 3.95 25.29
C GLU B 94 -46.27 5.02 25.24
N ASN B 95 -46.74 5.53 26.40
CA ASN B 95 -47.83 6.54 26.48
C ASN B 95 -47.34 7.89 25.92
N ILE B 96 -46.14 8.38 26.21
CA ILE B 96 -45.78 9.69 25.59
C ILE B 96 -45.67 9.54 24.07
N VAL B 97 -45.14 8.43 23.60
CA VAL B 97 -44.95 8.26 22.12
C VAL B 97 -46.36 8.26 21.57
N HIS B 98 -47.23 7.41 22.16
CA HIS B 98 -48.64 7.37 21.78
C HIS B 98 -49.24 8.78 21.65
N ASN B 99 -48.99 9.72 22.58
CA ASN B 99 -49.49 11.14 22.55
C ASN B 99 -49.18 11.81 21.22
N PHE B 100 -47.93 11.66 20.74
CA PHE B 100 -47.39 12.35 19.54
C PHE B 100 -47.94 11.67 18.29
N LYS B 101 -47.97 10.34 18.30
CA LYS B 101 -48.58 9.54 17.21
C LYS B 101 -50.00 10.06 17.03
N GLU B 102 -50.69 10.40 18.12
CA GLU B 102 -52.06 10.91 18.10
C GLU B 102 -52.11 12.30 17.47
N ARG B 103 -51.24 13.20 17.91
CA ARG B 103 -51.18 14.52 17.30
C ARG B 103 -50.39 14.54 15.99
N GLN B 104 -49.90 13.36 15.56
CA GLN B 104 -49.29 13.13 14.25
C GLN B 104 -48.08 14.03 14.04
N MET B 105 -47.21 14.06 15.05
CA MET B 105 -45.98 14.91 15.08
C MET B 105 -44.70 14.10 14.76
N MET B 106 -44.82 12.95 14.08
CA MET B 106 -43.68 12.09 13.73
C MET B 106 -43.74 11.75 12.26
N VAL B 107 -42.60 11.59 11.56
CA VAL B 107 -42.59 11.25 10.15
C VAL B 107 -42.54 9.74 10.09
N SER B 108 -42.92 9.14 8.96
CA SER B 108 -42.97 7.68 8.87
C SER B 108 -41.71 7.15 8.15
N TYR B 109 -40.94 6.28 8.82
CA TYR B 109 -39.83 5.63 8.11
C TYR B 109 -40.41 5.02 6.83
N PRO B 110 -40.02 5.53 5.67
CA PRO B 110 -40.81 5.44 4.44
C PRO B 110 -40.40 4.27 3.56
N LYS B 111 -40.52 3.07 4.09
CA LYS B 111 -40.00 1.93 3.38
C LYS B 111 -40.99 1.43 2.34
N ILE B 112 -40.54 1.41 1.10
CA ILE B 112 -41.22 0.71 0.01
C ILE B 112 -41.01 -0.78 0.18
N ASP B 113 -42.06 -1.55 -0.09
CA ASP B 113 -42.07 -2.96 0.26
C ASP B 113 -41.21 -3.80 -0.68
N GLU B 114 -41.14 -3.44 -1.97
CA GLU B 114 -40.24 -4.12 -2.88
C GLU B 114 -38.77 -3.89 -2.54
N ASP B 115 -38.48 -2.85 -1.78
CA ASP B 115 -37.10 -2.43 -1.57
C ASP B 115 -36.47 -3.23 -0.43
N ASP B 116 -35.35 -3.90 -0.74
CA ASP B 116 -34.52 -4.48 0.29
C ASP B 116 -33.19 -3.74 0.46
N THR B 117 -33.03 -2.50 -0.05
CA THR B 117 -31.73 -1.84 0.14
C THR B 117 -31.20 -1.97 1.58
N TRP B 118 -31.95 -1.56 2.59
CA TRP B 118 -31.34 -1.50 3.92
C TRP B 118 -30.90 -2.87 4.34
N TYR B 119 -31.80 -3.85 4.29
CA TYR B 119 -31.35 -5.21 4.55
C TYR B 119 -30.04 -5.47 3.82
N ASN B 120 -30.00 -5.23 2.51
CA ASN B 120 -28.77 -5.59 1.79
C ASN B 120 -27.51 -4.89 2.33
N LEU B 121 -27.62 -3.60 2.67
CA LEU B 121 -26.46 -2.83 3.17
C LEU B 121 -26.05 -3.28 4.56
N THR B 122 -26.98 -3.80 5.37
CA THR B 122 -26.72 -4.18 6.75
C THR B 122 -26.90 -5.68 7.07
N GLU B 123 -26.92 -6.54 6.06
CA GLU B 123 -27.09 -7.97 6.27
C GLU B 123 -26.30 -8.50 7.45
N PHE B 124 -24.99 -8.22 7.49
CA PHE B 124 -24.10 -8.87 8.45
C PHE B 124 -23.76 -7.96 9.58
N VAL B 125 -24.38 -6.79 9.67
CA VAL B 125 -24.01 -5.82 10.68
C VAL B 125 -24.85 -6.05 11.94
N GLN B 126 -24.18 -6.17 13.08
N GLN B 126 -24.18 -6.20 13.07
CA GLN B 126 -24.82 -6.48 14.34
CA GLN B 126 -24.82 -6.48 14.33
C GLN B 126 -24.35 -5.51 15.41
C GLN B 126 -24.37 -5.44 15.34
N MET B 127 -25.29 -5.01 16.20
CA MET B 127 -24.93 -4.06 17.23
C MET B 127 -23.86 -4.59 18.16
N ASP B 128 -23.82 -5.89 18.43
CA ASP B 128 -22.77 -6.39 19.30
C ASP B 128 -21.39 -5.99 18.78
N LYS B 129 -21.16 -6.10 17.47
CA LYS B 129 -19.83 -5.81 16.95
C LYS B 129 -19.62 -4.31 16.82
N ILE B 130 -20.65 -3.58 16.39
CA ILE B 130 -20.49 -2.14 16.35
C ILE B 130 -19.95 -1.64 17.67
N ARG B 131 -20.54 -2.10 18.78
CA ARG B 131 -20.16 -1.57 20.09
C ARG B 131 -18.73 -1.90 20.45
N LYS B 132 -18.11 -2.92 19.82
CA LYS B 132 -16.70 -3.22 20.01
C LYS B 132 -15.78 -2.29 19.23
N ILE B 133 -16.20 -1.91 18.02
CA ILE B 133 -15.49 -0.91 17.23
C ILE B 133 -15.64 0.51 17.81
N VAL B 134 -16.84 0.90 18.22
CA VAL B 134 -17.05 2.21 18.81
C VAL B 134 -17.20 2.00 20.30
N ARG B 135 -16.12 2.15 21.06
CA ARG B 135 -16.14 1.75 22.47
C ARG B 135 -16.78 2.85 23.32
N LYS B 136 -17.92 2.53 23.94
CA LYS B 136 -18.60 3.45 24.88
C LYS B 136 -19.77 2.71 25.51
N ASP B 137 -19.54 2.06 26.64
CA ASP B 137 -20.36 0.93 27.05
C ASP B 137 -21.43 1.28 28.06
N GLU B 138 -21.50 2.52 28.52
CA GLU B 138 -22.65 2.97 29.29
C GLU B 138 -23.85 3.26 28.40
N ASN B 139 -23.69 3.09 27.09
CA ASN B 139 -24.77 3.34 26.15
C ASN B 139 -24.96 2.17 25.18
N GLN B 140 -26.21 1.82 24.93
CA GLN B 140 -26.60 0.76 24.00
C GLN B 140 -26.51 1.15 22.54
N PHE B 141 -26.34 2.45 22.27
CA PHE B 141 -26.24 3.02 20.94
C PHE B 141 -24.82 3.55 20.76
N SER B 142 -24.41 3.75 19.51
CA SER B 142 -23.02 4.11 19.23
C SER B 142 -22.96 5.42 18.45
N TYR B 143 -22.19 6.38 18.98
CA TYR B 143 -22.00 7.69 18.36
C TYR B 143 -20.82 7.62 17.38
N VAL B 144 -21.01 8.11 16.13
CA VAL B 144 -19.95 8.31 15.13
C VAL B 144 -20.12 9.69 14.50
N ASP B 145 -18.98 10.30 14.10
CA ASP B 145 -18.93 11.50 13.25
C ASP B 145 -17.77 11.55 12.25
N SER B 146 -17.83 12.62 11.43
CA SER B 146 -16.98 12.87 10.28
C SER B 146 -15.50 12.76 10.65
N SER B 147 -15.12 13.22 11.83
CA SER B 147 -13.72 13.45 12.09
C SER B 147 -13.12 12.42 13.02
N MET B 148 -13.89 11.48 13.52
CA MET B 148 -13.31 10.44 14.34
C MET B 148 -12.23 9.71 13.56
N THR B 149 -11.14 9.35 14.24
CA THR B 149 -10.01 8.62 13.66
C THR B 149 -10.00 7.16 14.06
N THR B 150 -9.27 6.34 13.28
CA THR B 150 -9.22 4.89 13.54
C THR B 150 -8.04 4.48 14.42
N VAL B 151 -8.11 3.25 14.97
CA VAL B 151 -6.99 2.72 15.76
C VAL B 151 -5.71 2.73 14.94
N GLN B 152 -5.84 2.43 13.66
CA GLN B 152 -4.65 2.35 12.82
C GLN B 152 -4.10 3.73 12.49
N GLU B 153 -4.98 4.72 12.31
CA GLU B 153 -4.52 6.09 12.01
C GLU B 153 -3.68 6.64 13.15
N ASN B 154 -4.19 6.60 14.37
CA ASN B 154 -3.45 7.01 15.56
C ASN B 154 -2.13 6.26 15.71
N GLU B 155 -1.93 5.15 15.01
CA GLU B 155 -0.60 4.55 14.96
C GLU B 155 0.34 5.38 14.11
N LEU B 156 -0.19 6.06 13.09
CA LEU B 156 0.63 6.78 12.13
C LEU B 156 0.29 8.29 12.08
N SER B 161 -5.59 11.11 17.69
CA SER B 161 -4.67 10.80 18.77
C SER B 161 -5.43 10.41 20.04
N ASP B 162 -6.73 10.73 20.10
CA ASP B 162 -7.54 10.47 21.29
C ASP B 162 -8.20 9.10 21.18
N PRO B 163 -7.82 8.11 22.03
CA PRO B 163 -8.30 6.74 21.81
C PRO B 163 -9.76 6.52 22.13
N ALA B 164 -10.33 7.27 23.09
CA ALA B 164 -11.73 7.07 23.46
C ALA B 164 -12.64 7.30 22.27
N HIS B 165 -12.36 8.35 21.51
CA HIS B 165 -13.08 8.72 20.29
C HIS B 165 -12.46 8.10 19.05
N SER B 166 -11.96 6.87 19.16
CA SER B 166 -11.45 6.13 18.02
C SER B 166 -12.50 5.15 17.48
N LEU B 167 -12.29 4.74 16.23
CA LEU B 167 -13.00 3.62 15.63
C LEU B 167 -11.99 2.45 15.62
N ASN B 168 -12.18 1.49 16.53
N ASN B 168 -12.24 1.48 16.49
CA ASN B 168 -11.23 0.39 16.72
CA ASN B 168 -11.33 0.36 16.72
C ASN B 168 -11.50 -0.71 15.69
C ASN B 168 -11.58 -0.73 15.68
N TYR B 169 -11.41 -0.33 14.41
CA TYR B 169 -11.49 -1.28 13.30
C TYR B 169 -10.30 -2.28 13.33
N THR B 170 -10.55 -3.50 12.85
CA THR B 170 -9.45 -4.46 12.68
C THR B 170 -8.32 -3.96 11.81
N VAL B 171 -7.10 -4.01 12.33
CA VAL B 171 -5.97 -3.50 11.56
C VAL B 171 -5.54 -4.50 10.48
N ILE B 172 -5.55 -4.02 9.23
CA ILE B 172 -5.06 -4.68 8.02
C ILE B 172 -3.86 -3.90 7.49
N ASN B 173 -2.77 -4.61 7.21
CA ASN B 173 -1.57 -3.97 6.67
C ASN B 173 -0.81 -5.01 5.86
N PHE B 174 -0.78 -4.80 4.56
CA PHE B 174 -0.25 -5.76 3.61
C PHE B 174 1.27 -5.97 3.74
N LYS B 175 1.99 -4.92 4.08
CA LYS B 175 3.43 -4.97 4.31
C LYS B 175 3.70 -5.03 5.81
N SER B 176 3.24 -6.11 6.43
CA SER B 176 3.39 -6.28 7.85
C SER B 176 3.79 -7.71 8.11
N ARG B 177 4.34 -7.93 9.31
CA ARG B 177 4.67 -9.29 9.67
C ARG B 177 3.42 -10.15 9.80
N GLU B 178 2.37 -9.62 10.42
CA GLU B 178 1.13 -10.40 10.53
C GLU B 178 0.69 -10.97 9.19
N ALA B 179 0.90 -10.19 8.12
CA ALA B 179 0.39 -10.55 6.80
C ALA B 179 1.33 -11.45 6.01
N ILE B 180 2.63 -11.46 6.37
CA ILE B 180 3.70 -12.04 5.54
C ILE B 180 4.45 -13.13 6.31
N ARG B 181 4.33 -14.41 5.86
CA ARG B 181 5.01 -15.53 6.54
C ARG B 181 6.50 -15.52 6.22
N PRO B 182 7.37 -15.48 7.23
CA PRO B 182 8.80 -15.62 6.98
C PRO B 182 9.07 -16.85 6.12
N GLY B 183 9.87 -16.66 5.08
CA GLY B 183 10.10 -17.65 4.06
C GLY B 183 9.10 -17.68 2.92
N HIS B 184 7.93 -17.02 3.04
CA HIS B 184 7.00 -16.95 1.91
C HIS B 184 6.81 -15.49 1.48
N GLU B 185 7.84 -14.65 1.64
CA GLU B 185 7.71 -13.20 1.46
C GLU B 185 6.97 -12.89 0.15
N MET B 186 7.50 -13.39 -0.98
CA MET B 186 6.89 -13.10 -2.28
C MET B 186 5.55 -13.81 -2.41
N GLU B 187 5.43 -15.03 -1.90
CA GLU B 187 4.17 -15.77 -2.09
C GLU B 187 3.02 -15.07 -1.35
N ASP B 188 3.27 -14.70 -0.13
CA ASP B 188 2.21 -14.15 0.70
C ASP B 188 1.90 -12.74 0.25
N PHE B 189 2.78 -12.07 -0.49
CA PHE B 189 2.47 -10.67 -0.80
C PHE B 189 1.74 -10.58 -2.15
N LEU B 190 1.96 -11.53 -3.06
CA LEU B 190 1.17 -11.53 -4.28
C LEU B 190 -0.08 -12.40 -4.21
N ASP B 191 -0.21 -13.27 -3.19
CA ASP B 191 -1.41 -14.07 -2.92
C ASP B 191 -1.63 -13.99 -1.42
N LYS B 192 -2.57 -13.15 -1.03
CA LYS B 192 -2.86 -12.90 0.35
C LYS B 192 -3.76 -13.93 0.98
N SER B 193 -3.98 -15.09 0.33
CA SER B 193 -4.95 -16.07 0.79
C SER B 193 -4.69 -16.43 2.24
N TYR B 194 -3.42 -16.59 2.63
N TYR B 194 -3.40 -16.63 2.57
N TYR B 194 -3.42 -16.62 2.61
CA TYR B 194 -3.11 -17.02 3.99
CA TYR B 194 -2.96 -16.97 3.92
CA TYR B 194 -3.07 -16.99 3.98
C TYR B 194 -3.44 -15.92 4.99
C TYR B 194 -3.47 -15.93 4.91
C TYR B 194 -3.51 -15.91 4.95
N TYR B 195 -3.19 -14.65 4.63
CA TYR B 195 -3.61 -13.55 5.48
C TYR B 195 -5.13 -13.54 5.60
N LEU B 196 -5.84 -13.65 4.47
CA LEU B 196 -7.30 -13.57 4.54
C LEU B 196 -7.87 -14.70 5.36
N ASN B 197 -7.47 -15.94 5.01
CA ASN B 197 -8.17 -17.15 5.41
C ASN B 197 -7.76 -17.64 6.79
N THR B 198 -6.46 -17.73 7.03
CA THR B 198 -5.91 -18.12 8.32
C THR B 198 -5.82 -16.96 9.31
N VAL B 199 -5.19 -15.86 8.96
CA VAL B 199 -4.98 -14.82 9.96
C VAL B 199 -6.32 -14.18 10.30
N MET B 200 -7.00 -13.67 9.29
CA MET B 200 -8.20 -12.88 9.51
C MET B 200 -9.45 -13.75 9.68
N LEU B 201 -9.79 -14.57 8.69
CA LEU B 201 -11.05 -15.32 8.82
C LEU B 201 -11.00 -16.31 9.99
N GLN B 202 -10.08 -17.28 9.91
N GLN B 202 -10.08 -17.27 9.93
CA GLN B 202 -9.94 -18.28 10.97
CA GLN B 202 -9.97 -18.26 10.99
C GLN B 202 -9.45 -17.66 12.27
C GLN B 202 -9.45 -17.64 12.28
N GLY B 203 -8.47 -16.75 12.20
CA GLY B 203 -7.92 -16.17 13.40
C GLY B 203 -8.72 -15.09 14.12
N ILE B 204 -9.01 -13.97 13.44
CA ILE B 204 -9.49 -12.74 14.08
C ILE B 204 -11.02 -12.58 14.01
N PHE B 205 -11.59 -12.75 12.82
CA PHE B 205 -13.03 -12.68 12.60
C PHE B 205 -13.79 -13.98 12.87
N LYS B 206 -13.13 -15.14 12.79
CA LYS B 206 -13.77 -16.43 13.03
C LYS B 206 -14.64 -16.94 11.88
N ASN B 207 -15.44 -16.07 11.28
CA ASN B 207 -16.28 -16.47 10.18
C ASN B 207 -16.41 -15.29 9.23
N SER B 208 -16.92 -15.56 8.02
CA SER B 208 -17.01 -14.52 7.01
C SER B 208 -18.06 -13.48 7.36
N SER B 209 -19.02 -13.82 8.21
CA SER B 209 -20.12 -12.93 8.52
C SER B 209 -19.67 -11.77 9.41
N ASN B 210 -18.77 -12.02 10.38
CA ASN B 210 -18.20 -10.91 11.15
C ASN B 210 -17.28 -10.07 10.30
N TYR B 211 -16.49 -10.71 9.43
CA TYR B 211 -15.73 -9.98 8.43
C TYR B 211 -16.64 -9.05 7.62
N PHE B 212 -17.63 -9.66 6.94
CA PHE B 212 -18.49 -8.91 6.02
C PHE B 212 -19.19 -7.80 6.77
N GLY B 213 -19.41 -8.03 8.06
CA GLY B 213 -20.15 -7.05 8.83
C GLY B 213 -19.31 -5.80 9.03
N GLU B 214 -18.04 -5.99 9.43
CA GLU B 214 -17.11 -4.85 9.57
C GLU B 214 -16.96 -4.10 8.26
N LEU B 215 -16.75 -4.85 7.18
CA LEU B 215 -16.83 -4.29 5.83
C LEU B 215 -18.05 -3.41 5.61
N GLN B 216 -19.22 -3.88 6.05
CA GLN B 216 -20.42 -3.14 5.68
C GLN B 216 -20.57 -1.89 6.56
N PHE B 217 -20.17 -2.03 7.83
CA PHE B 217 -20.16 -0.89 8.74
C PHE B 217 -19.17 0.19 8.27
N ALA B 218 -17.94 -0.18 7.90
CA ALA B 218 -16.98 0.79 7.39
C ALA B 218 -17.55 1.60 6.25
N PHE B 219 -18.19 0.92 5.31
CA PHE B 219 -18.66 1.62 4.13
C PHE B 219 -19.75 2.59 4.52
N LEU B 220 -20.61 2.20 5.49
CA LEU B 220 -21.79 3.03 5.81
C LEU B 220 -21.35 4.32 6.54
N ASN B 221 -20.33 4.19 7.41
CA ASN B 221 -19.74 5.32 8.10
CA ASN B 221 -19.72 5.32 8.11
C ASN B 221 -18.99 6.25 7.14
N ALA B 222 -18.31 5.69 6.13
CA ALA B 222 -17.80 6.49 5.02
C ALA B 222 -18.90 7.28 4.34
N MET B 223 -19.97 6.62 3.96
CA MET B 223 -20.98 7.27 3.16
C MET B 223 -21.77 8.31 3.95
N PHE B 224 -22.27 7.93 5.12
CA PHE B 224 -23.14 8.83 5.87
C PHE B 224 -22.36 9.99 6.47
N PHE B 225 -21.17 9.70 7.02
CA PHE B 225 -20.35 10.70 7.70
C PHE B 225 -19.10 11.09 6.95
N GLY B 226 -18.90 10.59 5.75
CA GLY B 226 -17.70 10.92 5.04
C GLY B 226 -16.47 10.69 5.87
N ASN B 227 -16.52 9.75 6.80
CA ASN B 227 -15.37 9.34 7.59
C ASN B 227 -14.34 8.69 6.69
N TYR B 228 -13.21 9.36 6.61
CA TYR B 228 -12.11 8.95 5.76
C TYR B 228 -11.46 7.66 6.24
N GLY B 229 -11.27 7.47 7.56
CA GLY B 229 -10.65 6.23 8.04
C GLY B 229 -11.50 5.01 7.78
N SER B 230 -12.84 5.20 7.81
CA SER B 230 -13.79 4.14 7.47
C SER B 230 -13.64 3.74 6.00
N SER B 231 -13.52 4.71 5.10
CA SER B 231 -13.37 4.42 3.67
C SER B 231 -12.08 3.67 3.40
N LEU B 232 -11.02 4.01 4.12
CA LEU B 232 -9.79 3.25 4.04
C LEU B 232 -10.01 1.78 4.43
N GLN B 233 -10.70 1.52 5.55
CA GLN B 233 -10.97 0.19 6.03
C GLN B 233 -11.81 -0.57 5.02
N TRP B 234 -12.90 0.06 4.50
CA TRP B 234 -13.79 -0.59 3.50
C TRP B 234 -12.93 -1.03 2.35
N HIS B 235 -12.11 -0.15 1.86
CA HIS B 235 -11.27 -0.43 0.70
C HIS B 235 -10.24 -1.52 1.01
N ALA B 236 -9.57 -1.43 2.17
CA ALA B 236 -8.60 -2.45 2.53
C ALA B 236 -9.24 -3.85 2.51
N MET B 237 -10.44 -3.99 3.11
CA MET B 237 -11.02 -5.33 3.27
C MET B 237 -11.48 -5.90 1.95
N ILE B 238 -11.92 -5.05 1.05
CA ILE B 238 -12.17 -5.48 -0.31
C ILE B 238 -10.86 -5.94 -0.92
N GLU B 239 -9.81 -5.13 -0.75
CA GLU B 239 -8.60 -5.42 -1.49
C GLU B 239 -8.05 -6.78 -1.05
N LEU B 240 -8.10 -7.10 0.25
CA LEU B 240 -7.56 -8.34 0.77
C LEU B 240 -8.24 -9.56 0.13
N ILE B 241 -9.55 -9.52 -0.12
CA ILE B 241 -10.21 -10.68 -0.74
C ILE B 241 -9.86 -10.79 -2.20
N CYS B 242 -10.01 -9.67 -2.94
CA CYS B 242 -9.68 -9.65 -4.37
C CYS B 242 -8.23 -10.03 -4.63
N SER B 243 -7.29 -9.62 -3.77
CA SER B 243 -5.91 -10.10 -3.90
C SER B 243 -5.65 -11.47 -3.29
N SER B 244 -6.67 -12.26 -3.02
CA SER B 244 -6.50 -13.61 -2.49
C SER B 244 -6.86 -14.61 -3.58
N ALA B 245 -5.91 -15.46 -3.96
CA ALA B 245 -6.26 -16.43 -4.99
C ALA B 245 -7.32 -17.43 -4.52
N THR B 246 -7.33 -17.75 -3.23
CA THR B 246 -8.17 -18.82 -2.73
C THR B 246 -9.19 -18.23 -1.75
N VAL B 247 -10.43 -18.06 -2.19
CA VAL B 247 -11.51 -17.58 -1.33
C VAL B 247 -12.68 -18.56 -1.44
N PRO B 248 -13.33 -18.92 -0.35
CA PRO B 248 -14.49 -19.80 -0.49
C PRO B 248 -15.47 -19.27 -1.54
N LYS B 249 -16.13 -20.20 -2.25
CA LYS B 249 -17.02 -19.78 -3.34
C LYS B 249 -18.17 -18.93 -2.84
N HIS B 250 -18.66 -19.23 -1.62
CA HIS B 250 -19.78 -18.48 -1.10
C HIS B 250 -19.39 -17.05 -0.74
N MET B 251 -18.21 -16.84 -0.16
CA MET B 251 -17.77 -15.47 0.05
C MET B 251 -17.70 -14.71 -1.26
N LEU B 252 -17.20 -15.31 -2.31
CA LEU B 252 -17.04 -14.54 -3.54
C LEU B 252 -18.38 -14.11 -4.03
N ASP B 253 -19.36 -15.00 -3.94
CA ASP B 253 -20.72 -14.67 -4.36
C ASP B 253 -21.34 -13.59 -3.46
N LYS B 254 -21.26 -13.76 -2.15
CA LYS B 254 -21.84 -12.74 -1.28
C LYS B 254 -21.15 -11.42 -1.46
N LEU B 255 -19.82 -11.42 -1.56
CA LEU B 255 -19.14 -10.14 -1.72
C LEU B 255 -19.66 -9.39 -2.94
N ASP B 256 -19.86 -10.12 -4.07
CA ASP B 256 -20.43 -9.44 -5.26
C ASP B 256 -21.77 -8.78 -4.95
N GLU B 257 -22.63 -9.43 -4.15
CA GLU B 257 -23.94 -8.82 -3.86
C GLU B 257 -23.75 -7.59 -2.96
N ILE B 258 -22.85 -7.74 -1.99
CA ILE B 258 -22.59 -6.72 -0.99
C ILE B 258 -22.16 -5.44 -1.66
N LEU B 259 -21.05 -5.51 -2.40
CA LEU B 259 -20.52 -4.32 -3.07
C LEU B 259 -21.55 -3.73 -4.01
N TYR B 260 -22.26 -4.61 -4.69
CA TYR B 260 -23.24 -4.17 -5.68
C TYR B 260 -24.14 -3.15 -5.05
N TYR B 261 -24.59 -3.45 -3.85
CA TYR B 261 -25.61 -2.56 -3.31
C TYR B 261 -24.96 -1.31 -2.74
N GLN B 262 -23.71 -1.42 -2.26
CA GLN B 262 -22.99 -0.25 -1.74
C GLN B 262 -22.72 0.73 -2.87
N ILE B 263 -22.22 0.22 -4.00
CA ILE B 263 -22.11 1.08 -5.17
C ILE B 263 -23.49 1.59 -5.59
N LYS B 264 -24.55 0.78 -5.45
CA LYS B 264 -25.87 1.26 -5.89
C LYS B 264 -26.32 2.48 -5.07
N THR B 265 -26.06 2.47 -3.78
CA THR B 265 -26.62 3.43 -2.85
C THR B 265 -25.74 4.66 -2.71
N LEU B 266 -24.52 4.63 -3.26
CA LEU B 266 -23.64 5.79 -3.16
C LEU B 266 -24.23 6.99 -3.90
N PRO B 267 -24.17 8.19 -3.33
CA PRO B 267 -24.54 9.39 -4.09
C PRO B 267 -23.63 9.53 -5.29
N GLU B 268 -24.22 9.88 -6.42
CA GLU B 268 -23.46 9.94 -7.67
C GLU B 268 -22.46 11.09 -7.69
N GLN B 269 -22.68 12.12 -6.88
CA GLN B 269 -21.77 13.25 -6.81
C GLN B 269 -20.70 13.05 -5.75
N TYR B 270 -20.68 11.92 -5.07
CA TYR B 270 -19.68 11.66 -4.03
C TYR B 270 -18.59 10.73 -4.50
N SER B 271 -18.69 10.19 -5.71
CA SER B 271 -17.77 9.16 -6.16
C SER B 271 -16.31 9.63 -6.23
N ASP B 272 -16.06 10.93 -6.23
CA ASP B 272 -14.69 11.40 -6.41
C ASP B 272 -13.82 11.23 -5.17
N ILE B 273 -14.41 11.09 -3.98
CA ILE B 273 -13.63 11.10 -2.75
C ILE B 273 -13.73 9.76 -2.04
N LEU B 274 -14.87 9.07 -2.19
CA LEU B 274 -15.16 7.84 -1.46
C LEU B 274 -14.81 6.57 -2.23
N LEU B 275 -14.36 6.69 -3.48
CA LEU B 275 -14.02 5.52 -4.27
C LEU B 275 -12.57 5.67 -4.67
N ASN B 276 -11.81 4.61 -4.44
CA ASN B 276 -10.38 4.64 -4.66
C ASN B 276 -10.08 3.96 -5.99
N GLU B 277 -9.52 4.73 -6.92
CA GLU B 277 -9.25 4.22 -8.27
C GLU B 277 -8.41 2.94 -8.23
N ARG B 278 -7.26 2.99 -7.54
CA ARG B 278 -6.35 1.85 -7.59
C ARG B 278 -7.02 0.58 -7.11
N VAL B 279 -7.71 0.66 -5.97
CA VAL B 279 -8.32 -0.54 -5.41
C VAL B 279 -9.32 -1.14 -6.39
N TRP B 280 -10.13 -0.30 -7.06
CA TRP B 280 -11.21 -0.84 -7.88
C TRP B 280 -10.70 -1.33 -9.22
N ASN B 281 -9.85 -0.55 -9.89
CA ASN B 281 -9.28 -1.04 -11.14
C ASN B 281 -8.46 -2.30 -10.91
N ILE B 282 -7.99 -2.54 -9.69
CA ILE B 282 -7.28 -3.78 -9.41
C ILE B 282 -8.26 -4.92 -9.13
N CYS B 283 -9.19 -4.72 -8.19
CA CYS B 283 -10.16 -5.75 -7.87
C CYS B 283 -10.94 -6.17 -9.10
N LEU B 284 -11.25 -5.24 -9.97
CA LEU B 284 -12.14 -5.56 -11.08
C LEU B 284 -11.39 -6.09 -12.30
N TYR B 285 -10.11 -5.76 -12.47
CA TYR B 285 -9.43 -5.99 -13.75
C TYR B 285 -8.06 -6.65 -13.65
N SER B 286 -7.44 -6.69 -12.48
CA SER B 286 -6.13 -7.29 -12.34
C SER B 286 -6.08 -8.41 -11.33
N SER B 287 -6.86 -8.33 -10.26
CA SER B 287 -6.72 -9.28 -9.17
C SER B 287 -7.17 -10.68 -9.58
N PHE B 288 -6.86 -11.63 -8.72
CA PHE B 288 -7.33 -13.01 -8.90
C PHE B 288 -8.80 -13.02 -9.22
N GLN B 289 -9.60 -12.20 -8.52
CA GLN B 289 -11.06 -12.26 -8.57
C GLN B 289 -11.66 -11.28 -9.59
N LYS B 290 -10.90 -10.94 -10.63
CA LYS B 290 -11.34 -10.03 -11.67
C LYS B 290 -12.56 -10.54 -12.41
N ASN B 291 -12.82 -11.84 -12.36
CA ASN B 291 -13.95 -12.46 -13.05
C ASN B 291 -15.09 -12.83 -12.13
N SER B 292 -14.96 -12.57 -10.83
CA SER B 292 -15.86 -13.15 -9.87
C SER B 292 -16.88 -12.15 -9.32
N LEU B 293 -16.91 -10.92 -9.84
CA LEU B 293 -17.73 -9.84 -9.28
C LEU B 293 -18.62 -9.23 -10.37
N HIS B 294 -19.45 -10.10 -10.93
CA HIS B 294 -20.16 -9.75 -12.16
C HIS B 294 -21.08 -8.55 -11.94
N ASN B 295 -21.97 -8.64 -10.94
CA ASN B 295 -22.90 -7.55 -10.69
C ASN B 295 -22.17 -6.26 -10.24
N THR B 296 -21.17 -6.39 -9.37
CA THR B 296 -20.42 -5.20 -8.94
C THR B 296 -19.73 -4.55 -10.12
N GLU B 297 -19.08 -5.36 -10.97
CA GLU B 297 -18.40 -4.81 -12.15
C GLU B 297 -19.40 -4.22 -13.14
N LYS B 298 -20.51 -4.93 -13.40
CA LYS B 298 -21.50 -4.42 -14.33
C LYS B 298 -21.99 -3.04 -13.93
N ILE B 299 -22.38 -2.85 -12.67
CA ILE B 299 -22.90 -1.53 -12.30
C ILE B 299 -21.79 -0.46 -12.27
N MET B 300 -20.60 -0.81 -11.86
CA MET B 300 -19.56 0.23 -11.81
C MET B 300 -19.23 0.76 -13.21
N GLU B 301 -19.20 -0.13 -14.20
CA GLU B 301 -19.02 0.29 -15.59
C GLU B 301 -20.18 1.16 -16.11
N ASN B 302 -21.43 0.87 -15.73
CA ASN B 302 -22.58 1.61 -16.28
C ASN B 302 -22.80 2.96 -15.58
N LYS B 303 -22.14 3.19 -14.46
CA LYS B 303 -22.44 4.33 -13.61
C LYS B 303 -21.18 5.14 -13.34
N TYR B 304 -20.02 4.50 -13.33
CA TYR B 304 -18.77 5.24 -13.07
C TYR B 304 -17.64 4.83 -14.01
N PRO B 305 -17.89 4.69 -15.32
CA PRO B 305 -16.79 4.34 -16.23
C PRO B 305 -15.68 5.38 -16.27
N GLU B 306 -15.93 6.59 -15.74
CA GLU B 306 -14.91 7.63 -15.76
C GLU B 306 -13.72 7.21 -14.92
N LEU B 307 -13.99 6.74 -13.70
CA LEU B 307 -12.94 6.26 -12.82
C LEU B 307 -12.06 5.21 -13.50
N LEU B 308 -12.69 4.28 -14.21
CA LEU B 308 -11.97 3.15 -14.77
C LEU B 308 -11.27 3.53 -16.08
C7 W3Z C . -39.92 12.50 26.74
C8 W3Z C . -39.93 8.44 26.96
O1 W3Z C . -39.84 15.19 26.33
C1 W3Z C . -41.51 16.85 25.16
C5 W3Z C . -39.43 11.75 24.27
C6 W3Z C . -39.88 10.62 25.13
C4 W3Z C . -40.64 12.55 24.18
C3 W3Z C . -40.86 13.13 25.66
O3 W3Z C . -38.33 9.86 28.18
C2 W3Z C . -40.71 14.64 25.73
S W3Z C . -39.65 9.90 27.68
O2 W3Z C . -40.68 10.21 28.53
N W3Z C . -39.83 11.00 26.52
O W3Z C . -41.59 15.47 25.11
C W3Z C . -42.94 17.28 25.11
#